data_1ST0
#
_entry.id   1ST0
#
_cell.length_a   59.446
_cell.length_b   94.783
_cell.length_c   178.328
_cell.angle_alpha   90.00
_cell.angle_beta   90.00
_cell.angle_gamma   90.00
#
_symmetry.space_group_name_H-M   'P 21 21 21'
#
loop_
_entity.id
_entity.type
_entity.pdbx_description
1 polymer 'mRNA decapping enzyme'
2 non-polymer "7-METHYL-GUANOSINE-5'-TRIPHOSPHATE-5'-GUANOSINE"
3 non-polymer 'YTTRIUM (III) ION'
4 water water
#
_entity_poly.entity_id   1
_entity_poly.type   'polypeptide(L)'
_entity_poly.pdbx_seq_one_letter_code
;MADAAPQLGKRKRELDVEEAHAASTEEKEAGVGNGTCAPVRLPFSGFRLQKVLRESARDKIIFLHGKVNEASGDGDGEDA
VVILEKTPFQVEQVAQLLTGSPELQLQFSNDIYSTYHLFPPRQLNDVKTTVVYPATEKHLQKYLRQDLRLIRETGDDYRN
ITLPHLESQSLSIQWVYNILDKKAEADRIVFENPDPSDGFVLIPDLKWNQQQLDDLYLIAICHRRGIRSLRDLTPEHLPL
LRNILHQGQEAILQRYRMKGDHLRVYLHYLPSYYHLNVHFTALGFEAPGSGVERAHLLAEVIENLECDPRHYQQRTLTFA
LRADDPLLKLLQEAQQS
;
_entity_poly.pdbx_strand_id   B,A
#
# COMPACT_ATOMS: atom_id res chain seq x y z
N VAL A 40 33.18 4.85 -11.96
CA VAL A 40 33.85 5.54 -13.16
C VAL A 40 33.55 5.04 -14.62
N ARG A 41 33.74 3.76 -14.90
CA ARG A 41 32.92 3.11 -15.96
C ARG A 41 32.12 1.89 -15.48
N LEU A 42 30.96 1.68 -16.10
CA LEU A 42 30.26 0.39 -16.00
C LEU A 42 31.25 -0.72 -16.42
N PRO A 43 31.17 -1.93 -15.88
CA PRO A 43 32.19 -2.94 -16.25
C PRO A 43 31.92 -3.57 -17.64
N PHE A 44 30.98 -3.03 -18.43
CA PHE A 44 30.73 -3.54 -19.78
C PHE A 44 30.44 -2.33 -20.67
N SER A 45 30.32 -2.57 -21.99
CA SER A 45 29.81 -1.55 -22.87
C SER A 45 28.55 -2.03 -23.56
N GLY A 46 27.63 -1.09 -23.68
CA GLY A 46 26.34 -1.33 -24.31
C GLY A 46 25.36 -2.05 -23.40
N PHE A 47 24.08 -1.90 -23.68
CA PHE A 47 23.09 -2.54 -22.86
C PHE A 47 21.87 -2.65 -23.69
N ARG A 48 21.55 -3.89 -23.97
CA ARG A 48 20.31 -4.16 -24.63
C ARG A 48 19.37 -4.78 -23.59
N LEU A 49 18.21 -4.14 -23.35
CA LEU A 49 17.28 -4.70 -22.37
C LEU A 49 16.60 -6.01 -22.81
N GLN A 50 16.50 -6.94 -21.87
CA GLN A 50 16.01 -8.24 -22.18
C GLN A 50 14.74 -8.52 -21.41
N LYS A 51 14.73 -8.13 -20.13
CA LYS A 51 13.56 -8.34 -19.34
C LYS A 51 13.68 -7.45 -18.12
N VAL A 52 12.57 -6.81 -17.77
CA VAL A 52 12.47 -6.26 -16.44
C VAL A 52 12.23 -7.43 -15.53
N LEU A 53 13.22 -7.78 -14.72
CA LEU A 53 13.06 -8.92 -13.87
C LEU A 53 12.06 -8.64 -12.76
N ARG A 54 12.04 -7.40 -12.25
CA ARG A 54 11.21 -7.12 -11.08
C ARG A 54 11.24 -5.63 -10.89
N GLU A 55 10.17 -5.09 -10.30
CA GLU A 55 10.17 -3.64 -10.04
C GLU A 55 9.15 -3.29 -9.03
N SER A 56 9.38 -2.12 -8.40
CA SER A 56 8.44 -1.65 -7.42
C SER A 56 8.34 -0.17 -7.61
N ALA A 57 7.17 0.26 -8.05
CA ALA A 57 6.93 1.70 -8.20
C ALA A 57 6.70 2.34 -6.85
N ARG A 58 6.45 1.57 -5.78
CA ARG A 58 6.35 2.13 -4.47
C ARG A 58 7.78 2.41 -3.91
N ASP A 59 8.69 1.44 -4.11
CA ASP A 59 10.03 1.55 -3.54
C ASP A 59 10.98 2.29 -4.46
N LYS A 60 10.53 2.56 -5.67
CA LYS A 60 11.25 3.30 -6.71
C LYS A 60 12.56 2.50 -7.04
N ILE A 61 12.37 1.24 -7.38
CA ILE A 61 13.50 0.39 -7.77
C ILE A 61 13.15 -0.46 -8.95
N ILE A 62 14.11 -0.73 -9.81
CA ILE A 62 13.87 -1.71 -10.89
C ILE A 62 15.09 -2.63 -11.03
N PHE A 63 14.86 -3.84 -11.53
CA PHE A 63 15.92 -4.87 -11.64
C PHE A 63 15.90 -5.29 -13.09
N LEU A 64 16.95 -4.98 -13.83
CA LEU A 64 16.97 -5.19 -15.27
C LEU A 64 17.96 -6.29 -15.67
N HIS A 65 17.53 -7.14 -16.59
CA HIS A 65 18.41 -8.14 -17.20
C HIS A 65 18.72 -7.60 -18.53
N GLY A 66 19.98 -7.36 -18.76
CA GLY A 66 20.38 -6.89 -20.04
C GLY A 66 21.39 -7.84 -20.70
N LYS A 67 21.52 -7.72 -22.03
CA LYS A 67 22.67 -8.20 -22.77
C LYS A 67 23.65 -7.09 -23.02
N VAL A 68 24.87 -7.35 -22.65
CA VAL A 68 25.91 -6.36 -22.76
C VAL A 68 27.00 -6.85 -23.72
N ASN A 69 27.83 -5.91 -24.19
CA ASN A 69 28.95 -6.19 -25.15
C ASN A 69 28.52 -6.77 -26.52
N GLU A 70 27.23 -6.62 -26.88
CA GLU A 70 26.70 -7.15 -28.14
C GLU A 70 27.33 -6.43 -29.34
N ALA A 71 27.62 -5.15 -29.17
CA ALA A 71 28.32 -4.39 -30.22
C ALA A 71 29.82 -4.13 -29.94
N SER A 72 30.46 -5.02 -29.16
CA SER A 72 31.93 -5.03 -28.93
C SER A 72 32.50 -6.46 -28.91
N GLY A 73 33.83 -6.61 -28.82
CA GLY A 73 34.48 -7.91 -28.94
C GLY A 73 33.93 -8.73 -30.10
N ASP A 74 33.18 -9.80 -29.75
CA ASP A 74 32.59 -10.80 -30.68
C ASP A 74 31.32 -10.38 -31.48
N GLY A 75 30.39 -9.72 -30.80
CA GLY A 75 28.99 -9.72 -31.18
C GLY A 75 28.24 -10.61 -30.17
N ASP A 76 29.01 -11.48 -29.51
CA ASP A 76 28.47 -12.36 -28.49
C ASP A 76 28.15 -11.66 -27.15
N GLY A 77 26.87 -11.31 -26.98
CA GLY A 77 26.31 -10.69 -25.77
C GLY A 77 26.44 -11.49 -24.49
N GLU A 78 26.92 -10.85 -23.40
CA GLU A 78 26.95 -11.47 -22.05
C GLU A 78 25.79 -10.92 -21.19
N ASP A 79 25.42 -11.66 -20.15
CA ASP A 79 24.29 -11.30 -19.30
C ASP A 79 24.74 -10.40 -18.16
N ALA A 80 23.93 -9.40 -17.85
CA ALA A 80 24.16 -8.53 -16.68
C ALA A 80 22.85 -8.28 -15.97
N VAL A 81 22.92 -8.14 -14.63
CA VAL A 81 21.77 -7.61 -13.90
C VAL A 81 22.17 -6.21 -13.45
N VAL A 82 21.29 -5.21 -13.66
CA VAL A 82 21.49 -3.85 -13.13
C VAL A 82 20.25 -3.53 -12.35
N ILE A 83 20.45 -3.12 -11.09
CA ILE A 83 19.37 -2.77 -10.18
C ILE A 83 19.53 -1.28 -9.94
N LEU A 84 18.46 -0.47 -10.12
CA LEU A 84 18.57 0.94 -9.87
C LEU A 84 17.54 1.37 -8.91
N GLU A 85 17.96 2.22 -7.99
CA GLU A 85 17.08 2.61 -6.93
C GLU A 85 17.24 4.10 -6.73
N LYS A 86 16.09 4.81 -6.70
CA LYS A 86 16.11 6.25 -6.30
C LYS A 86 16.64 6.43 -4.86
N THR A 87 17.17 7.62 -4.57
CA THR A 87 17.72 7.85 -3.22
C THR A 87 16.81 8.69 -2.37
N PRO A 88 16.89 8.51 -1.07
CA PRO A 88 16.14 9.36 -0.16
C PRO A 88 16.58 10.82 -0.22
N PHE A 89 15.67 11.70 0.25
CA PHE A 89 16.00 13.14 0.24
C PHE A 89 16.91 13.49 1.45
N GLN A 90 17.77 14.50 1.27
CA GLN A 90 18.45 15.04 2.46
C GLN A 90 17.84 16.39 2.76
N VAL A 91 17.41 16.60 3.99
CA VAL A 91 16.71 17.82 4.36
C VAL A 91 17.40 19.08 3.90
N GLU A 92 18.73 19.14 4.04
CA GLU A 92 19.38 20.42 3.82
C GLU A 92 19.39 20.75 2.35
N GLN A 93 19.61 19.74 1.50
CA GLN A 93 19.54 19.98 0.08
C GLN A 93 18.11 20.44 -0.37
N VAL A 94 17.08 19.89 0.22
CA VAL A 94 15.72 20.23 -0.26
C VAL A 94 15.32 21.65 0.21
N ALA A 95 15.55 21.94 1.47
CA ALA A 95 15.30 23.28 2.06
C ALA A 95 16.04 24.35 1.24
N GLN A 96 17.28 24.11 0.84
CA GLN A 96 17.96 25.11 0.09
C GLN A 96 17.40 25.26 -1.34
N LEU A 97 17.09 24.14 -2.00
CA LEU A 97 16.42 24.18 -3.32
C LEU A 97 15.13 25.00 -3.23
N LEU A 98 14.38 24.79 -2.18
CA LEU A 98 13.04 25.39 -2.16
C LEU A 98 13.11 26.91 -1.86
N THR A 99 14.12 27.36 -1.10
CA THR A 99 14.21 28.81 -0.83
C THR A 99 14.60 29.53 -2.10
N GLY A 100 15.30 28.85 -3.00
CA GLY A 100 15.71 29.42 -4.28
C GLY A 100 14.60 29.54 -5.34
N SER A 101 13.34 29.26 -4.98
CA SER A 101 12.24 29.35 -5.94
C SER A 101 12.56 28.64 -7.29
N PRO A 102 12.45 27.27 -7.33
CA PRO A 102 13.05 26.42 -8.37
C PRO A 102 12.32 26.11 -9.70
N GLU A 103 12.81 25.02 -10.36
CA GLU A 103 12.48 24.55 -11.73
C GLU A 103 11.29 23.56 -11.92
N LEU A 104 10.11 24.15 -12.14
CA LEU A 104 8.78 23.44 -12.06
C LEU A 104 7.83 23.49 -13.27
N GLN A 105 7.11 22.39 -13.50
CA GLN A 105 6.20 22.22 -14.61
C GLN A 105 4.91 21.77 -13.92
N LEU A 106 3.85 22.54 -14.08
CA LEU A 106 2.57 22.30 -13.41
C LEU A 106 1.93 21.00 -13.94
N GLN A 107 1.47 20.16 -13.01
CA GLN A 107 0.69 18.98 -13.38
C GLN A 107 -0.78 19.41 -13.24
N PHE A 108 -1.22 19.83 -12.06
CA PHE A 108 -2.55 20.53 -11.96
C PHE A 108 -2.70 21.30 -10.71
N SER A 109 -3.77 22.10 -10.56
CA SER A 109 -4.07 22.69 -9.25
C SER A 109 -5.56 22.66 -9.02
N ASN A 110 -5.94 22.63 -7.76
CA ASN A 110 -7.32 22.60 -7.37
C ASN A 110 -7.40 23.18 -6.02
N ASP A 111 -7.96 24.39 -5.87
CA ASP A 111 -8.13 24.96 -4.51
C ASP A 111 -6.72 25.13 -3.91
N ILE A 112 -6.49 24.68 -2.67
CA ILE A 112 -5.20 24.88 -1.98
C ILE A 112 -4.13 23.87 -2.44
N TYR A 113 -4.48 23.01 -3.39
CA TYR A 113 -3.61 21.83 -3.79
C TYR A 113 -3.02 22.06 -5.15
N SER A 114 -1.72 21.79 -5.32
CA SER A 114 -1.18 21.77 -6.62
C SER A 114 -0.05 20.78 -6.72
N THR A 115 0.18 20.27 -7.91
CA THR A 115 1.29 19.35 -8.07
C THR A 115 2.13 19.66 -9.33
N TYR A 116 3.38 19.18 -9.33
CA TYR A 116 4.38 19.65 -10.28
C TYR A 116 5.40 18.59 -10.50
N HIS A 117 6.11 18.73 -11.60
CA HIS A 117 7.31 17.99 -11.86
C HIS A 117 8.45 18.96 -11.61
N LEU A 118 9.39 18.51 -10.79
CA LEU A 118 10.56 19.32 -10.38
C LEU A 118 11.82 18.62 -10.90
N PHE A 119 12.72 19.37 -11.57
CA PHE A 119 13.93 18.80 -12.15
C PHE A 119 15.08 19.41 -11.37
N PRO A 120 15.57 18.73 -10.33
CA PRO A 120 16.54 19.38 -9.43
C PRO A 120 17.99 19.31 -9.96
N PRO A 121 18.86 20.08 -9.30
CA PRO A 121 20.29 20.07 -9.63
C PRO A 121 20.83 18.70 -9.27
N ARG A 122 22.02 18.42 -9.83
CA ARG A 122 22.68 17.10 -9.77
C ARG A 122 22.71 16.38 -8.43
N GLN A 123 22.92 17.14 -7.36
CA GLN A 123 23.15 16.61 -6.01
C GLN A 123 21.97 15.79 -5.53
N LEU A 124 20.76 16.14 -5.96
CA LEU A 124 19.59 15.42 -5.46
C LEU A 124 19.20 14.24 -6.36
N ASN A 125 19.94 13.98 -7.41
CA ASN A 125 19.57 13.07 -8.49
C ASN A 125 20.24 11.70 -8.47
N ASP A 126 21.04 11.49 -7.42
CA ASP A 126 21.80 10.27 -7.28
C ASP A 126 20.87 9.08 -7.39
N VAL A 127 21.26 8.11 -8.22
CA VAL A 127 20.59 6.79 -8.34
C VAL A 127 21.58 5.70 -7.91
N LYS A 128 21.25 4.90 -6.91
CA LYS A 128 22.05 3.80 -6.49
C LYS A 128 21.94 2.67 -7.51
N THR A 129 23.08 2.30 -8.11
CA THR A 129 23.07 1.37 -9.26
C THR A 129 23.89 0.15 -8.93
N THR A 130 23.24 -1.03 -8.83
CA THR A 130 23.95 -2.24 -8.49
C THR A 130 24.07 -3.10 -9.75
N VAL A 131 25.31 -3.52 -10.07
CA VAL A 131 25.62 -4.36 -11.22
C VAL A 131 26.11 -5.74 -10.82
N VAL A 132 25.49 -6.75 -11.41
CA VAL A 132 25.96 -8.12 -11.40
C VAL A 132 26.41 -8.41 -12.84
N TYR A 133 27.72 -8.63 -13.04
CA TYR A 133 28.30 -8.85 -14.37
C TYR A 133 29.61 -9.70 -14.32
N PRO A 134 29.72 -10.80 -15.07
CA PRO A 134 28.63 -11.44 -15.82
C PRO A 134 27.54 -12.03 -14.90
N ALA A 135 26.27 -11.98 -15.30
CA ALA A 135 25.23 -12.60 -14.50
C ALA A 135 24.98 -14.06 -14.91
N THR A 136 24.80 -14.94 -13.93
CA THR A 136 24.40 -16.30 -14.25
C THR A 136 22.90 -16.47 -14.30
N GLU A 137 22.48 -17.61 -14.85
CA GLU A 137 21.07 -18.01 -14.83
C GLU A 137 20.50 -18.08 -13.42
N LYS A 138 21.33 -18.42 -12.46
CA LYS A 138 20.96 -18.38 -11.06
C LYS A 138 20.70 -16.93 -10.54
N HIS A 139 21.40 -15.93 -11.08
CA HIS A 139 21.11 -14.55 -10.66
C HIS A 139 19.76 -14.13 -11.24
N LEU A 140 19.51 -14.54 -12.47
CA LEU A 140 18.30 -14.16 -13.17
C LEU A 140 17.13 -14.71 -12.39
N GLN A 141 17.30 -15.92 -11.93
CA GLN A 141 16.23 -16.60 -11.22
C GLN A 141 15.94 -15.96 -9.90
N LYS A 142 16.97 -15.51 -9.21
CA LYS A 142 16.79 -14.86 -7.93
C LYS A 142 15.86 -13.61 -8.01
N TYR A 143 16.04 -12.79 -9.06
CA TYR A 143 15.32 -11.52 -9.10
C TYR A 143 13.97 -11.56 -9.84
N LEU A 144 13.83 -12.55 -10.72
CA LEU A 144 12.64 -12.68 -11.54
C LEU A 144 11.41 -12.72 -10.66
N ARG A 145 10.40 -11.88 -10.98
CA ARG A 145 9.13 -11.99 -10.27
C ARG A 145 8.00 -11.84 -11.28
N GLN A 146 7.02 -12.71 -11.15
CA GLN A 146 5.86 -12.78 -12.01
C GLN A 146 4.89 -11.63 -11.64
N ASP A 147 4.20 -11.06 -12.60
CA ASP A 147 3.10 -10.12 -12.29
C ASP A 147 1.90 -10.82 -11.59
N LEU A 148 1.03 -10.05 -10.96
CA LEU A 148 -0.02 -10.63 -10.15
C LEU A 148 -1.32 -10.35 -10.85
N ARG A 149 -2.31 -11.19 -10.60
CA ARG A 149 -3.65 -10.97 -11.12
C ARG A 149 -4.63 -11.25 -10.02
N LEU A 150 -5.65 -10.42 -9.93
CA LEU A 150 -6.69 -10.54 -8.91
C LEU A 150 -7.70 -11.64 -9.30
N ILE A 151 -8.23 -12.35 -8.31
CA ILE A 151 -9.31 -13.31 -8.56
C ILE A 151 -10.26 -13.23 -7.36
N ARG A 152 -11.55 -13.29 -7.64
CA ARG A 152 -12.59 -13.30 -6.62
C ARG A 152 -13.12 -14.76 -6.59
N GLU A 153 -12.76 -15.50 -5.55
CA GLU A 153 -13.09 -16.92 -5.46
C GLU A 153 -14.45 -17.09 -4.76
N THR A 154 -15.48 -17.45 -5.51
CA THR A 154 -16.73 -17.87 -4.79
C THR A 154 -16.58 -19.05 -3.84
N GLY A 155 -17.53 -19.20 -2.93
CA GLY A 155 -17.65 -20.45 -2.19
C GLY A 155 -17.67 -21.69 -3.10
N ASP A 156 -18.51 -21.70 -4.14
CA ASP A 156 -18.41 -22.81 -5.13
C ASP A 156 -17.02 -22.99 -5.76
N ASP A 157 -16.39 -21.87 -6.17
CA ASP A 157 -15.07 -21.95 -6.80
C ASP A 157 -14.12 -22.68 -5.89
N TYR A 158 -14.20 -22.40 -4.60
CA TYR A 158 -13.21 -22.99 -3.69
C TYR A 158 -13.44 -24.50 -3.62
N ARG A 159 -14.71 -24.88 -3.41
CA ARG A 159 -15.09 -26.30 -3.29
C ARG A 159 -14.77 -27.09 -4.60
N ASN A 160 -15.15 -26.54 -5.74
CA ASN A 160 -15.02 -27.23 -7.03
C ASN A 160 -13.63 -27.16 -7.69
N ILE A 161 -12.86 -26.09 -7.42
CA ILE A 161 -11.63 -25.87 -8.18
C ILE A 161 -10.42 -25.79 -7.30
N THR A 162 -10.47 -24.85 -6.35
CA THR A 162 -9.30 -24.62 -5.54
C THR A 162 -8.94 -25.78 -4.62
N LEU A 163 -9.91 -26.28 -3.84
CA LEU A 163 -9.58 -27.36 -2.88
C LEU A 163 -9.07 -28.65 -3.61
N PRO A 164 -9.74 -29.11 -4.67
CA PRO A 164 -9.20 -30.28 -5.40
C PRO A 164 -7.78 -29.98 -5.88
N HIS A 165 -7.52 -28.73 -6.29
CA HIS A 165 -6.18 -28.44 -6.76
C HIS A 165 -5.14 -28.48 -5.63
N LEU A 166 -5.60 -28.14 -4.43
CA LEU A 166 -4.75 -28.09 -3.26
C LEU A 166 -4.44 -29.53 -2.80
N GLU A 167 -5.47 -30.40 -2.88
CA GLU A 167 -5.36 -31.81 -2.45
C GLU A 167 -4.30 -32.57 -3.24
N SER A 168 -4.05 -32.12 -4.47
CA SER A 168 -3.18 -32.82 -5.39
C SER A 168 -1.77 -32.24 -5.46
N GLN A 169 -1.50 -31.21 -4.64
CA GLN A 169 -0.14 -30.76 -4.27
C GLN A 169 0.07 -29.29 -3.79
N SER A 170 0.84 -29.17 -2.70
CA SER A 170 1.12 -27.94 -1.96
C SER A 170 2.57 -27.92 -1.45
N LEU A 171 3.00 -26.77 -0.95
CA LEU A 171 4.28 -26.63 -0.26
C LEU A 171 4.25 -27.47 1.04
N SER A 172 5.36 -28.17 1.32
CA SER A 172 5.42 -29.05 2.49
C SER A 172 5.33 -28.27 3.81
N ILE A 173 4.50 -28.75 4.74
CA ILE A 173 4.36 -28.13 6.07
C ILE A 173 5.11 -28.88 7.18
N GLN A 174 6.21 -29.56 6.80
CA GLN A 174 7.03 -30.33 7.72
C GLN A 174 7.65 -29.41 8.73
N TRP A 175 8.06 -28.23 8.29
CA TRP A 175 8.65 -27.24 9.19
C TRP A 175 7.66 -26.91 10.31
N VAL A 176 6.37 -26.83 9.99
CA VAL A 176 5.33 -26.51 11.00
C VAL A 176 5.19 -27.64 12.03
N TYR A 177 4.97 -28.86 11.54
CA TYR A 177 4.97 -30.06 12.42
C TYR A 177 6.22 -30.09 13.35
N ASN A 178 7.40 -29.87 12.78
CA ASN A 178 8.65 -29.90 13.56
C ASN A 178 8.71 -28.91 14.70
N ILE A 179 8.03 -27.77 14.50
CA ILE A 179 7.98 -26.76 15.54
C ILE A 179 6.99 -27.20 16.61
N LEU A 180 5.82 -27.65 16.17
CA LEU A 180 4.73 -27.99 17.05
C LEU A 180 5.14 -29.05 18.08
N ASP A 181 6.09 -29.89 17.67
CA ASP A 181 6.62 -30.90 18.57
C ASP A 181 8.13 -30.81 18.85
N LYS A 182 8.64 -29.58 18.80
CA LYS A 182 9.94 -29.18 19.35
C LYS A 182 11.20 -29.84 18.79
N LYS A 183 11.09 -30.47 17.63
CA LYS A 183 12.32 -30.94 16.94
C LYS A 183 13.12 -29.77 16.38
N ALA A 184 12.43 -28.68 16.03
CA ALA A 184 13.11 -27.48 15.52
C ALA A 184 12.59 -26.21 16.22
N GLU A 185 13.49 -25.27 16.42
CA GLU A 185 13.15 -23.91 16.86
C GLU A 185 12.52 -23.84 18.25
N ALA A 186 12.74 -24.87 19.07
CA ALA A 186 12.30 -24.82 20.47
C ALA A 186 13.02 -23.70 21.24
N ASP A 187 14.28 -23.40 20.87
CA ASP A 187 15.01 -22.29 21.49
C ASP A 187 14.55 -20.87 21.04
N ARG A 188 13.48 -20.79 20.25
CA ARG A 188 13.01 -19.49 19.75
C ARG A 188 11.60 -19.23 20.18
N ILE A 189 10.98 -20.19 20.87
CA ILE A 189 9.58 -20.04 21.24
C ILE A 189 9.41 -18.79 22.04
N VAL A 190 8.36 -18.04 21.76
CA VAL A 190 8.04 -16.88 22.58
C VAL A 190 6.95 -17.28 23.56
N PHE A 191 5.98 -18.05 23.08
CA PHE A 191 4.89 -18.50 23.95
C PHE A 191 4.27 -19.74 23.34
N GLU A 192 3.78 -20.62 24.23
CA GLU A 192 3.02 -21.78 23.83
C GLU A 192 1.81 -22.01 24.76
N ASN A 193 0.65 -22.20 24.16
CA ASN A 193 -0.47 -22.83 24.81
C ASN A 193 -0.51 -24.28 24.23
N PRO A 194 -0.12 -25.29 25.04
CA PRO A 194 -0.12 -26.71 24.63
C PRO A 194 -1.47 -27.37 24.30
N ASP A 195 -2.62 -26.79 24.63
CA ASP A 195 -3.88 -27.50 24.33
C ASP A 195 -3.92 -27.95 22.86
N PRO A 196 -4.19 -29.25 22.59
CA PRO A 196 -3.98 -29.77 21.24
C PRO A 196 -5.14 -29.40 20.34
N SER A 197 -6.25 -28.92 20.90
CA SER A 197 -7.37 -28.49 20.11
C SER A 197 -7.36 -26.94 19.86
N ASP A 198 -7.01 -26.20 20.92
CA ASP A 198 -7.29 -24.78 21.05
C ASP A 198 -6.04 -23.96 21.32
N GLY A 199 -4.88 -24.61 21.21
CA GLY A 199 -3.62 -24.01 21.56
C GLY A 199 -2.73 -23.82 20.32
N PHE A 200 -1.50 -23.36 20.55
CA PHE A 200 -0.73 -22.77 19.49
C PHE A 200 0.66 -22.46 20.01
N VAL A 201 1.59 -22.31 19.08
CA VAL A 201 2.94 -21.88 19.36
C VAL A 201 3.14 -20.46 18.70
N LEU A 202 3.75 -19.55 19.45
CA LEU A 202 4.02 -18.20 18.93
C LEU A 202 5.51 -18.10 18.86
N ILE A 203 6.07 -17.75 17.69
CA ILE A 203 7.54 -17.72 17.47
C ILE A 203 7.86 -16.58 16.48
N PRO A 204 9.08 -16.06 16.50
CA PRO A 204 9.45 -15.02 15.54
C PRO A 204 9.36 -15.61 14.15
N ASP A 205 9.00 -14.74 13.24
CA ASP A 205 9.05 -15.14 11.86
C ASP A 205 10.49 -15.01 11.42
N LEU A 206 10.94 -15.96 10.60
CA LEU A 206 12.30 -15.96 10.01
C LEU A 206 12.82 -14.63 9.48
N LYS A 207 11.98 -13.83 8.82
CA LYS A 207 12.47 -12.58 8.27
C LYS A 207 12.75 -11.42 9.26
N TRP A 208 12.36 -11.54 10.54
CA TRP A 208 12.62 -10.53 11.59
C TRP A 208 13.88 -10.84 12.35
N ASN A 209 14.86 -9.95 12.24
CA ASN A 209 16.17 -10.18 12.81
C ASN A 209 16.23 -9.94 14.32
N GLN A 210 15.08 -9.57 14.89
CA GLN A 210 14.87 -9.39 16.33
C GLN A 210 15.63 -8.25 17.04
N GLN A 211 16.39 -7.46 16.29
CA GLN A 211 17.19 -6.37 16.92
C GLN A 211 16.46 -5.08 17.32
N GLN A 212 15.21 -4.88 16.84
CA GLN A 212 14.42 -3.69 17.23
C GLN A 212 12.94 -4.04 17.14
N LEU A 213 12.12 -3.28 17.84
CA LEU A 213 10.68 -3.45 17.80
C LEU A 213 9.94 -2.84 16.58
N ASP A 214 10.63 -1.96 15.84
CA ASP A 214 10.02 -1.22 14.71
C ASP A 214 9.41 -2.17 13.68
N ASP A 215 10.12 -3.24 13.38
CA ASP A 215 9.63 -4.23 12.44
C ASP A 215 9.20 -5.59 13.07
N LEU A 216 8.64 -5.56 14.28
CA LEU A 216 8.27 -6.79 15.01
C LEU A 216 7.39 -7.66 14.12
N TYR A 217 7.82 -8.90 13.93
CA TYR A 217 7.04 -9.86 13.15
C TYR A 217 7.07 -11.23 13.85
N LEU A 218 5.94 -11.66 14.39
CA LEU A 218 5.79 -13.02 14.93
C LEU A 218 4.70 -13.78 14.21
N ILE A 219 4.76 -15.13 14.27
CA ILE A 219 3.73 -15.99 13.72
C ILE A 219 3.16 -17.00 14.73
N ALA A 220 1.85 -17.12 14.77
CA ALA A 220 1.24 -18.15 15.58
C ALA A 220 0.76 -19.34 14.73
N ILE A 221 1.15 -20.53 15.15
CA ILE A 221 0.76 -21.75 14.48
C ILE A 221 -0.03 -22.67 15.43
N CYS A 222 -1.25 -23.01 15.07
CA CYS A 222 -2.14 -23.76 15.94
C CYS A 222 -1.65 -25.22 16.06
N HIS A 223 -2.00 -25.87 17.18
CA HIS A 223 -1.63 -27.30 17.42
C HIS A 223 -2.55 -28.22 16.64
N ARG A 224 -3.84 -27.89 16.56
CA ARG A 224 -4.79 -28.72 15.80
C ARG A 224 -4.37 -28.81 14.37
N ARG A 225 -4.28 -30.05 13.87
CA ARG A 225 -3.94 -30.29 12.47
C ARG A 225 -5.13 -30.19 11.54
N GLY A 226 -4.80 -29.96 10.26
CA GLY A 226 -5.82 -29.98 9.21
C GLY A 226 -6.75 -28.77 9.08
N ILE A 227 -6.43 -27.65 9.76
CA ILE A 227 -7.06 -26.37 9.36
C ILE A 227 -6.19 -25.74 8.26
N ARG A 228 -6.69 -25.81 7.03
CA ARG A 228 -5.85 -25.42 5.90
C ARG A 228 -5.70 -23.89 5.83
N SER A 229 -6.77 -23.18 6.17
CA SER A 229 -6.82 -21.74 5.95
C SER A 229 -8.13 -21.21 6.47
N LEU A 230 -8.33 -19.90 6.24
CA LEU A 230 -9.60 -19.25 6.44
C LEU A 230 -10.81 -20.03 5.94
N ARG A 231 -10.67 -20.78 4.81
CA ARG A 231 -11.84 -21.45 4.24
C ARG A 231 -12.36 -22.61 5.17
N ASP A 232 -11.48 -23.14 6.03
CA ASP A 232 -11.85 -24.19 6.98
C ASP A 232 -12.48 -23.66 8.29
N LEU A 233 -12.54 -22.33 8.48
CA LEU A 233 -13.01 -21.79 9.77
C LEU A 233 -14.53 -21.82 10.01
N THR A 234 -14.90 -22.34 11.20
CA THR A 234 -16.29 -22.41 11.66
C THR A 234 -16.35 -21.93 13.10
N PRO A 235 -17.57 -21.74 13.63
CA PRO A 235 -17.70 -21.30 15.01
C PRO A 235 -17.05 -22.25 15.99
N GLU A 236 -16.84 -23.54 15.62
CA GLU A 236 -16.13 -24.47 16.48
C GLU A 236 -14.70 -24.04 16.70
N HIS A 237 -14.20 -23.13 15.84
CA HIS A 237 -12.80 -22.67 15.98
C HIS A 237 -12.66 -21.43 16.87
N LEU A 238 -13.80 -20.86 17.27
CA LEU A 238 -13.81 -19.62 18.02
C LEU A 238 -12.93 -19.67 19.27
N PRO A 239 -12.99 -20.75 20.08
CA PRO A 239 -12.06 -20.83 21.24
C PRO A 239 -10.61 -20.75 20.81
N LEU A 240 -10.27 -21.41 19.73
CA LEU A 240 -8.86 -21.37 19.28
C LEU A 240 -8.40 -19.93 18.73
N LEU A 241 -9.26 -19.31 17.95
CA LEU A 241 -8.98 -17.98 17.34
C LEU A 241 -8.77 -16.94 18.49
N ARG A 242 -9.76 -16.89 19.39
CA ARG A 242 -9.71 -16.04 20.60
C ARG A 242 -8.47 -16.26 21.41
N ASN A 243 -8.02 -17.51 21.52
CA ASN A 243 -6.76 -17.78 22.26
C ASN A 243 -5.55 -17.18 21.58
N ILE A 244 -5.49 -17.39 20.28
CA ILE A 244 -4.36 -16.86 19.50
C ILE A 244 -4.31 -15.31 19.68
N LEU A 245 -5.45 -14.65 19.51
CA LEU A 245 -5.59 -13.17 19.60
C LEU A 245 -5.22 -12.69 20.99
N HIS A 246 -5.89 -13.28 21.99
CA HIS A 246 -5.76 -12.78 23.36
C HIS A 246 -4.50 -13.22 24.07
N GLN A 247 -4.19 -14.51 24.06
CA GLN A 247 -2.89 -14.94 24.60
C GLN A 247 -1.66 -14.53 23.78
N GLY A 248 -1.82 -14.40 22.47
CA GLY A 248 -0.70 -13.90 21.71
C GLY A 248 -0.40 -12.46 22.07
N GLN A 249 -1.43 -11.62 22.21
CA GLN A 249 -1.11 -10.22 22.56
C GLN A 249 -0.43 -10.14 23.96
N GLU A 250 -0.99 -10.90 24.90
CA GLU A 250 -0.40 -11.03 26.27
C GLU A 250 1.06 -11.39 26.26
N ALA A 251 1.38 -12.43 25.53
CA ALA A 251 2.74 -12.85 25.42
C ALA A 251 3.62 -11.76 24.89
N ILE A 252 3.11 -11.02 23.88
CA ILE A 252 3.96 -9.97 23.26
C ILE A 252 4.16 -8.82 24.26
N LEU A 253 3.10 -8.54 25.01
CA LEU A 253 3.14 -7.56 26.07
C LEU A 253 4.19 -7.93 27.13
N GLN A 254 4.15 -9.16 27.67
CA GLN A 254 5.19 -9.55 28.67
C GLN A 254 6.55 -9.70 28.11
N ARG A 255 6.62 -10.06 26.83
CA ARG A 255 7.95 -10.26 26.26
C ARG A 255 8.66 -8.96 25.80
N TYR A 256 7.87 -8.07 25.17
CA TYR A 256 8.45 -6.95 24.43
C TYR A 256 7.99 -5.61 24.94
N ARG A 257 6.96 -5.65 25.80
CA ARG A 257 6.41 -4.47 26.42
C ARG A 257 5.61 -3.71 25.36
N MET A 258 5.17 -4.45 24.34
CA MET A 258 4.37 -3.81 23.30
C MET A 258 2.91 -4.08 23.52
N LYS A 259 2.18 -3.00 23.69
CA LYS A 259 0.76 -3.11 23.96
C LYS A 259 0.05 -3.62 22.73
N GLY A 260 -1.17 -4.16 22.91
CA GLY A 260 -1.92 -4.77 21.81
C GLY A 260 -2.43 -3.80 20.72
N ASP A 261 -2.65 -2.55 21.11
CA ASP A 261 -3.09 -1.55 20.15
C ASP A 261 -1.95 -1.06 19.30
N HIS A 262 -0.75 -1.61 19.51
CA HIS A 262 0.39 -1.48 18.61
C HIS A 262 0.52 -2.60 17.59
N LEU A 263 -0.44 -3.50 17.56
CA LEU A 263 -0.25 -4.75 16.81
C LEU A 263 -1.28 -4.86 15.71
N ARG A 264 -0.84 -5.32 14.56
CA ARG A 264 -1.76 -5.64 13.46
C ARG A 264 -1.79 -7.16 13.43
N VAL A 265 -2.95 -7.77 13.61
CA VAL A 265 -2.96 -9.23 13.78
C VAL A 265 -3.88 -9.84 12.77
N TYR A 266 -3.39 -10.78 11.96
CA TYR A 266 -4.18 -11.14 10.79
C TYR A 266 -3.77 -12.45 10.15
N LEU A 267 -4.63 -12.95 9.25
CA LEU A 267 -4.26 -14.14 8.47
C LEU A 267 -4.09 -13.73 7.02
N HIS A 268 -3.22 -14.42 6.29
CA HIS A 268 -3.17 -14.40 4.84
C HIS A 268 -4.20 -15.30 4.15
N TYR A 269 -4.80 -14.81 3.08
CA TYR A 269 -5.49 -15.66 2.16
C TYR A 269 -5.14 -15.16 0.73
N LEU A 270 -4.52 -16.00 -0.11
CA LEU A 270 -4.08 -17.37 0.19
C LEU A 270 -2.91 -17.35 1.11
N PRO A 271 -2.79 -18.34 2.02
CA PRO A 271 -1.55 -18.54 2.77
C PRO A 271 -0.52 -19.16 1.87
N SER A 272 0.77 -19.10 2.20
CA SER A 272 1.72 -19.92 1.46
C SER A 272 1.82 -21.34 2.01
N TYR A 273 1.50 -21.50 3.29
CA TYR A 273 1.51 -22.85 3.93
C TYR A 273 0.11 -23.14 4.43
N TYR A 274 -0.40 -24.30 4.06
CA TYR A 274 -1.75 -24.63 4.40
C TYR A 274 -1.93 -25.32 5.76
N HIS A 275 -1.42 -24.65 6.77
CA HIS A 275 -1.77 -24.93 8.16
C HIS A 275 -1.96 -23.58 8.81
N LEU A 276 -3.15 -23.35 9.28
CA LEU A 276 -3.58 -22.10 9.93
C LEU A 276 -2.43 -21.41 10.65
N ASN A 277 -2.12 -20.17 10.22
CA ASN A 277 -1.09 -19.41 10.89
C ASN A 277 -1.49 -17.92 10.94
N VAL A 278 -1.24 -17.27 12.09
CA VAL A 278 -1.67 -15.90 12.29
C VAL A 278 -0.45 -15.01 12.39
N HIS A 279 -0.51 -13.83 11.75
CA HIS A 279 0.66 -12.96 11.74
C HIS A 279 0.41 -11.79 12.68
N PHE A 280 1.45 -11.43 13.41
CA PHE A 280 1.43 -10.38 14.44
C PHE A 280 2.53 -9.38 14.02
N THR A 281 2.18 -8.18 13.56
CA THR A 281 3.25 -7.25 13.18
C THR A 281 3.04 -5.95 13.92
N ALA A 282 4.16 -5.25 14.13
CA ALA A 282 4.13 -3.86 14.61
C ALA A 282 3.25 -3.07 13.62
N LEU A 283 2.20 -2.44 14.12
CA LEU A 283 1.36 -1.53 13.33
C LEU A 283 2.19 -0.54 12.49
N GLY A 284 3.29 -0.03 13.03
CA GLY A 284 4.07 0.97 12.34
C GLY A 284 4.87 0.40 11.20
N PHE A 285 4.88 -0.94 11.06
CA PHE A 285 5.66 -1.64 10.05
C PHE A 285 4.61 -1.96 8.98
N GLU A 286 4.75 -1.30 7.82
CA GLU A 286 3.93 -1.59 6.68
C GLU A 286 4.40 -2.94 6.10
N ALA A 287 4.03 -4.02 6.77
CA ALA A 287 4.59 -5.34 6.44
C ALA A 287 4.16 -5.79 5.05
N PRO A 288 5.07 -6.38 4.25
CA PRO A 288 4.69 -7.04 3.00
C PRO A 288 3.65 -8.08 3.31
N GLY A 289 2.63 -8.21 2.49
CA GLY A 289 1.53 -9.14 2.83
C GLY A 289 0.46 -8.59 3.77
N SER A 290 0.56 -7.32 4.24
CA SER A 290 -0.54 -6.77 5.05
C SER A 290 -1.61 -5.97 4.25
N GLY A 291 -1.49 -5.96 2.93
CA GLY A 291 -2.46 -5.32 2.05
C GLY A 291 -3.86 -5.90 2.10
N VAL A 292 -4.85 -5.04 1.83
CA VAL A 292 -6.26 -5.46 1.77
C VAL A 292 -6.54 -6.67 0.83
N GLU A 293 -5.72 -6.88 -0.20
CA GLU A 293 -5.89 -8.00 -1.16
C GLU A 293 -5.38 -9.30 -0.61
N ARG A 294 -4.82 -9.30 0.60
CA ARG A 294 -4.30 -10.53 1.21
C ARG A 294 -4.67 -10.79 2.71
N ALA A 295 -4.77 -9.70 3.49
CA ALA A 295 -4.77 -9.79 4.95
C ALA A 295 -6.17 -9.71 5.47
N HIS A 296 -6.45 -10.48 6.50
CA HIS A 296 -7.80 -10.52 7.09
C HIS A 296 -7.65 -10.43 8.62
N LEU A 297 -8.17 -9.37 9.23
CA LEU A 297 -7.81 -9.11 10.62
C LEU A 297 -8.43 -10.26 11.47
N LEU A 298 -7.67 -10.82 12.36
CA LEU A 298 -8.20 -11.88 13.28
C LEU A 298 -9.43 -11.48 14.06
N ALA A 299 -9.42 -10.27 14.66
CA ALA A 299 -10.62 -9.84 15.40
C ALA A 299 -11.84 -9.81 14.57
N GLU A 300 -11.73 -9.41 13.30
CA GLU A 300 -12.92 -9.39 12.44
C GLU A 300 -13.33 -10.77 12.00
N VAL A 301 -12.40 -11.67 11.79
CA VAL A 301 -12.71 -13.03 11.41
C VAL A 301 -13.57 -13.65 12.58
N ILE A 302 -13.14 -13.46 13.81
CA ILE A 302 -13.91 -13.87 14.97
C ILE A 302 -15.31 -13.28 14.93
N GLU A 303 -15.44 -11.98 14.70
CA GLU A 303 -16.78 -11.38 14.69
C GLU A 303 -17.69 -11.83 13.57
N ASN A 304 -17.10 -12.10 12.41
CA ASN A 304 -17.84 -12.69 11.29
C ASN A 304 -18.45 -14.08 11.65
N LEU A 305 -17.68 -14.88 12.33
CA LEU A 305 -18.20 -16.18 12.78
C LEU A 305 -19.35 -15.98 13.76
N GLU A 306 -19.24 -14.97 14.63
CA GLU A 306 -20.25 -14.75 15.64
C GLU A 306 -21.49 -14.31 14.96
N CYS A 307 -21.35 -13.67 13.80
CA CYS A 307 -22.50 -13.08 13.12
C CYS A 307 -23.04 -13.90 11.99
N ASP A 308 -22.23 -14.80 11.49
CA ASP A 308 -22.51 -15.39 10.18
C ASP A 308 -21.75 -16.71 10.21
N PRO A 309 -22.32 -17.72 10.90
CA PRO A 309 -21.60 -19.00 11.16
C PRO A 309 -20.88 -19.66 9.95
N ARG A 310 -21.52 -19.62 8.80
CA ARG A 310 -20.97 -20.24 7.61
C ARG A 310 -20.21 -19.24 6.63
N HIS A 311 -19.88 -18.05 7.15
CA HIS A 311 -19.28 -16.96 6.36
C HIS A 311 -18.21 -17.43 5.41
N TYR A 312 -17.21 -18.11 5.96
CA TYR A 312 -16.04 -18.47 5.23
C TYR A 312 -16.15 -19.67 4.30
N GLN A 313 -17.31 -20.32 4.27
CA GLN A 313 -17.57 -21.31 3.25
C GLN A 313 -18.46 -20.72 2.18
N GLN A 314 -19.34 -19.77 2.51
CA GLN A 314 -20.28 -19.27 1.50
C GLN A 314 -19.82 -18.00 0.74
N ARG A 315 -19.16 -17.08 1.45
CA ARG A 315 -18.83 -15.75 0.91
C ARG A 315 -17.59 -15.79 -0.06
N THR A 316 -17.56 -14.86 -0.99
CA THR A 316 -16.49 -14.73 -1.99
C THR A 316 -15.35 -14.07 -1.33
N LEU A 317 -14.16 -14.64 -1.52
CA LEU A 317 -12.92 -14.10 -1.00
C LEU A 317 -12.07 -13.62 -2.18
N THR A 318 -11.28 -12.54 -1.98
CA THR A 318 -10.49 -11.91 -3.07
C THR A 318 -9.00 -12.00 -2.80
N PHE A 319 -8.20 -12.49 -3.75
CA PHE A 319 -6.73 -12.59 -3.55
C PHE A 319 -6.06 -12.46 -4.88
N ALA A 320 -4.74 -12.27 -4.83
CA ALA A 320 -3.93 -12.21 -6.02
C ALA A 320 -3.13 -13.47 -6.18
N LEU A 321 -2.92 -13.87 -7.44
CA LEU A 321 -2.09 -15.02 -7.79
C LEU A 321 -1.02 -14.54 -8.78
N ARG A 322 0.13 -15.24 -8.77
CA ARG A 322 1.19 -15.02 -9.79
C ARG A 322 0.66 -15.42 -11.14
N ALA A 323 1.03 -14.66 -12.16
CA ALA A 323 0.42 -14.87 -13.47
C ALA A 323 0.72 -16.24 -14.08
N ASP A 324 1.69 -16.96 -13.52
CA ASP A 324 2.02 -18.31 -13.92
C ASP A 324 1.58 -19.42 -12.96
N ASP A 325 0.68 -19.10 -12.03
CA ASP A 325 0.13 -20.07 -11.10
C ASP A 325 -0.93 -20.93 -11.82
N PRO A 326 -0.74 -22.25 -11.81
CA PRO A 326 -1.72 -23.16 -12.43
C PRO A 326 -3.16 -22.91 -11.89
N LEU A 327 -3.27 -22.65 -10.59
CA LEU A 327 -4.57 -22.27 -10.01
C LEU A 327 -5.20 -21.07 -10.70
N LEU A 328 -4.38 -20.11 -11.18
CA LEU A 328 -4.99 -18.96 -11.85
C LEU A 328 -5.78 -19.30 -13.11
N LYS A 329 -5.14 -20.08 -14.00
CA LYS A 329 -5.85 -20.48 -15.21
C LYS A 329 -7.06 -21.39 -14.86
N LEU A 330 -6.89 -22.28 -13.89
CA LEU A 330 -8.01 -23.10 -13.41
C LEU A 330 -9.17 -22.21 -13.00
N LEU A 331 -8.95 -21.25 -12.09
CA LEU A 331 -10.04 -20.36 -11.68
C LEU A 331 -10.56 -19.53 -12.84
N GLN A 332 -9.70 -19.02 -13.69
CA GLN A 332 -10.25 -18.15 -14.78
C GLN A 332 -11.18 -18.91 -15.78
N GLU A 333 -10.71 -20.09 -16.18
CA GLU A 333 -11.51 -21.07 -16.97
C GLU A 333 -12.88 -21.40 -16.33
N ALA A 334 -12.87 -21.84 -15.07
CA ALA A 334 -14.12 -22.04 -14.35
C ALA A 334 -15.05 -20.82 -14.43
N GLN A 335 -14.49 -19.61 -14.35
CA GLN A 335 -15.31 -18.40 -14.21
C GLN A 335 -15.79 -17.77 -15.53
N GLN A 336 -15.32 -18.30 -16.66
CA GLN A 336 -15.74 -17.76 -17.96
C GLN A 336 -17.06 -18.36 -18.49
N ALA B 38 5.38 25.87 -20.54
CA ALA B 38 6.21 26.95 -19.90
C ALA B 38 6.33 26.71 -18.38
N PRO B 39 7.51 26.94 -17.80
CA PRO B 39 7.74 26.69 -16.36
C PRO B 39 7.05 27.69 -15.38
N VAL B 40 6.49 27.19 -14.27
CA VAL B 40 5.88 28.07 -13.29
C VAL B 40 6.68 28.14 -11.99
N ARG B 41 6.16 28.88 -11.04
CA ARG B 41 6.82 28.99 -9.75
C ARG B 41 5.90 28.38 -8.71
N LEU B 42 6.44 28.21 -7.49
CA LEU B 42 5.64 27.83 -6.36
C LEU B 42 4.59 28.92 -6.18
N PRO B 43 3.43 28.59 -5.62
CA PRO B 43 2.36 29.59 -5.53
C PRO B 43 2.52 30.57 -4.32
N PHE B 44 3.76 30.80 -3.89
CA PHE B 44 4.03 31.68 -2.74
C PHE B 44 5.50 32.10 -2.91
N SER B 45 5.96 33.04 -2.10
CA SER B 45 7.35 33.46 -2.11
C SER B 45 8.05 33.05 -0.88
N GLY B 46 9.28 32.56 -1.05
CA GLY B 46 10.05 32.17 0.13
C GLY B 46 9.60 30.79 0.58
N PHE B 47 10.45 30.05 1.25
CA PHE B 47 9.97 28.89 1.93
C PHE B 47 10.99 28.82 2.97
N ARG B 48 10.60 28.97 4.20
CA ARG B 48 11.54 28.81 5.26
C ARG B 48 11.13 27.60 6.06
N LEU B 49 12.04 26.62 6.15
CA LEU B 49 11.68 25.35 6.78
C LEU B 49 11.35 25.47 8.24
N GLN B 50 10.19 24.98 8.68
CA GLN B 50 9.89 24.91 10.09
C GLN B 50 10.10 23.52 10.64
N LYS B 51 9.67 22.48 9.92
CA LYS B 51 9.66 21.12 10.50
C LYS B 51 9.58 20.11 9.37
N VAL B 52 10.40 19.06 9.48
CA VAL B 52 10.22 17.91 8.61
C VAL B 52 9.06 17.17 9.21
N LEU B 53 7.89 17.15 8.56
CA LEU B 53 6.76 16.44 9.14
C LEU B 53 6.98 14.92 9.09
N ARG B 54 7.47 14.40 7.97
CA ARG B 54 7.59 12.95 7.84
C ARG B 54 8.58 12.75 6.74
N GLU B 55 9.33 11.67 6.85
CA GLU B 55 10.38 11.32 5.87
C GLU B 55 10.34 9.80 5.79
N SER B 56 10.56 9.21 4.63
CA SER B 56 10.73 7.77 4.51
C SER B 56 11.73 7.41 3.42
N ALA B 57 12.71 6.55 3.75
CA ALA B 57 13.65 6.02 2.76
C ALA B 57 13.06 4.86 1.98
N ARG B 58 11.99 4.26 2.50
CA ARG B 58 11.29 3.24 1.73
C ARG B 58 10.71 3.79 0.43
N ASP B 59 9.86 4.83 0.48
CA ASP B 59 9.32 5.33 -0.80
C ASP B 59 9.95 6.68 -1.20
N LYS B 60 10.97 7.11 -0.44
CA LYS B 60 11.88 8.20 -0.91
C LYS B 60 11.01 9.45 -1.03
N ILE B 61 10.43 9.78 0.10
CA ILE B 61 9.50 10.87 0.11
C ILE B 61 9.84 11.73 1.32
N ILE B 62 9.51 13.02 1.23
CA ILE B 62 9.69 13.85 2.44
C ILE B 62 8.54 14.89 2.45
N PHE B 63 7.99 15.12 3.63
CA PHE B 63 6.88 16.09 3.85
C PHE B 63 7.40 17.24 4.71
N LEU B 64 7.46 18.45 4.15
CA LEU B 64 8.05 19.66 4.81
C LEU B 64 7.00 20.69 5.17
N HIS B 65 7.03 21.21 6.40
CA HIS B 65 6.22 22.39 6.80
C HIS B 65 7.12 23.62 6.68
N GLY B 66 6.75 24.58 5.84
CA GLY B 66 7.52 25.81 5.67
C GLY B 66 6.64 27.02 6.04
N LYS B 67 7.29 28.14 6.42
CA LYS B 67 6.65 29.48 6.39
C LYS B 67 6.87 30.17 5.08
N VAL B 68 5.80 30.80 4.52
CA VAL B 68 5.94 31.37 3.23
C VAL B 68 5.38 32.84 3.32
N ASN B 69 5.70 33.65 2.33
CA ASN B 69 5.16 35.01 2.18
C ASN B 69 5.40 35.80 3.45
N GLU B 70 6.54 35.69 4.06
CA GLU B 70 6.79 36.46 5.30
C GLU B 70 7.09 37.96 5.11
N ALA B 71 7.37 38.40 3.91
CA ALA B 71 7.68 39.81 3.63
C ALA B 71 6.41 40.61 3.26
N SER B 72 5.24 40.10 3.59
CA SER B 72 4.06 40.92 3.27
C SER B 72 3.15 41.00 4.49
N GLY B 73 2.22 41.97 4.46
CA GLY B 73 1.21 42.06 5.48
C GLY B 73 1.77 42.20 6.87
N ASP B 74 1.33 41.36 7.80
CA ASP B 74 1.84 41.52 9.14
C ASP B 74 3.18 40.85 9.31
N GLY B 75 3.77 40.30 8.24
CA GLY B 75 5.10 39.71 8.43
C GLY B 75 5.26 38.34 9.12
N ASP B 76 4.17 37.72 9.56
CA ASP B 76 4.19 36.36 10.14
C ASP B 76 4.08 35.29 9.09
N GLY B 77 3.69 35.66 7.88
CA GLY B 77 3.72 34.70 6.80
C GLY B 77 2.55 33.69 6.94
N GLU B 78 2.60 32.64 6.13
CA GLU B 78 1.52 31.66 6.09
C GLU B 78 2.18 30.28 6.15
N ASP B 79 1.43 29.24 6.47
CA ASP B 79 1.97 27.87 6.43
C ASP B 79 1.73 27.21 5.10
N ALA B 80 2.72 26.44 4.64
CA ALA B 80 2.64 25.67 3.40
C ALA B 80 3.21 24.31 3.70
N VAL B 81 2.67 23.27 3.07
CA VAL B 81 3.31 21.96 3.08
C VAL B 81 3.84 21.67 1.71
N VAL B 82 5.10 21.23 1.63
CA VAL B 82 5.66 20.76 0.39
C VAL B 82 6.10 19.29 0.51
N ILE B 83 5.61 18.43 -0.40
CA ILE B 83 5.86 16.98 -0.40
C ILE B 83 6.67 16.75 -1.67
N LEU B 84 7.85 16.13 -1.49
CA LEU B 84 8.67 15.76 -2.59
C LEU B 84 8.88 14.23 -2.52
N GLU B 85 8.81 13.61 -3.69
CA GLU B 85 8.86 12.17 -3.81
C GLU B 85 9.62 11.88 -5.04
N LYS B 86 10.62 10.99 -4.92
CA LYS B 86 11.34 10.55 -6.12
C LYS B 86 10.36 9.72 -6.99
N THR B 87 10.55 9.69 -8.31
CA THR B 87 9.54 9.01 -9.14
C THR B 87 9.99 7.58 -9.52
N PRO B 88 9.04 6.76 -9.96
CA PRO B 88 9.37 5.41 -10.45
C PRO B 88 10.22 5.52 -11.67
N PHE B 89 10.98 4.48 -12.01
CA PHE B 89 11.73 4.53 -13.20
C PHE B 89 10.86 4.25 -14.45
N GLN B 90 11.26 4.83 -15.56
CA GLN B 90 10.75 4.51 -16.90
C GLN B 90 11.81 3.66 -17.59
N VAL B 91 11.53 2.38 -17.66
CA VAL B 91 12.50 1.39 -18.16
C VAL B 91 13.15 1.70 -19.47
N GLU B 92 12.40 2.17 -20.45
CA GLU B 92 13.06 2.49 -21.70
C GLU B 92 14.13 3.58 -21.66
N GLN B 93 13.86 4.64 -20.88
CA GLN B 93 14.82 5.67 -20.65
C GLN B 93 16.11 5.15 -19.91
N VAL B 94 15.98 4.17 -19.01
CA VAL B 94 17.11 3.64 -18.26
C VAL B 94 17.98 2.80 -19.17
N ALA B 95 17.37 1.89 -19.90
CA ALA B 95 18.11 1.05 -20.86
C ALA B 95 18.92 1.96 -21.84
N GLN B 96 18.25 2.99 -22.37
CA GLN B 96 18.93 3.98 -23.18
C GLN B 96 20.12 4.69 -22.50
N LEU B 97 19.97 5.00 -21.20
CA LEU B 97 21.11 5.53 -20.45
C LEU B 97 22.23 4.49 -20.36
N LEU B 98 21.89 3.25 -20.01
CA LEU B 98 22.93 2.23 -19.75
C LEU B 98 23.71 1.79 -21.01
N THR B 99 23.11 2.04 -22.16
CA THR B 99 23.69 1.77 -23.45
C THR B 99 24.88 2.72 -23.73
N GLY B 100 24.95 3.86 -23.05
CA GLY B 100 25.95 4.91 -23.33
C GLY B 100 27.13 5.03 -22.38
N SER B 101 27.47 6.27 -22.02
CA SER B 101 28.50 6.47 -20.97
C SER B 101 27.97 7.38 -19.85
N PRO B 102 27.26 6.81 -18.88
CA PRO B 102 26.68 7.58 -17.79
C PRO B 102 27.73 8.20 -16.86
N GLU B 103 27.32 9.24 -16.15
CA GLU B 103 28.14 9.84 -15.12
C GLU B 103 28.02 8.95 -13.88
N LEU B 104 29.15 8.35 -13.48
CA LEU B 104 29.15 7.44 -12.35
C LEU B 104 30.29 7.72 -11.35
N GLN B 105 30.06 7.30 -10.11
CA GLN B 105 31.13 7.14 -9.09
C GLN B 105 30.99 5.74 -8.55
N LEU B 106 32.13 5.11 -8.28
CA LEU B 106 32.14 3.73 -7.83
C LEU B 106 32.04 3.73 -6.32
N GLN B 107 31.08 3.01 -5.72
CA GLN B 107 30.95 2.93 -4.25
C GLN B 107 31.48 1.59 -3.66
N PHE B 108 31.27 0.48 -4.33
CA PHE B 108 31.72 -0.86 -3.92
C PHE B 108 32.09 -1.66 -5.18
N SER B 109 33.04 -2.57 -5.04
CA SER B 109 33.39 -3.38 -6.19
C SER B 109 34.01 -4.66 -5.67
N ASN B 110 33.35 -5.78 -5.92
CA ASN B 110 34.00 -7.08 -5.69
C ASN B 110 33.61 -8.16 -6.68
N ASP B 111 34.58 -8.55 -7.50
CA ASP B 111 34.41 -9.67 -8.42
C ASP B 111 33.28 -9.24 -9.39
N ILE B 112 32.18 -10.00 -9.42
CA ILE B 112 31.08 -9.76 -10.35
C ILE B 112 30.03 -8.73 -9.88
N TYR B 113 30.20 -8.21 -8.65
CA TYR B 113 29.28 -7.26 -8.02
C TYR B 113 29.86 -5.87 -7.81
N SER B 114 29.10 -4.82 -8.14
CA SER B 114 29.57 -3.44 -7.95
C SER B 114 28.38 -2.53 -7.73
N THR B 115 28.56 -1.44 -7.00
CA THR B 115 27.55 -0.46 -6.70
C THR B 115 28.14 0.88 -7.07
N TYR B 116 27.36 1.66 -7.80
CA TYR B 116 27.70 3.00 -8.18
C TYR B 116 26.67 4.00 -7.72
N HIS B 117 27.13 5.26 -7.71
CA HIS B 117 26.22 6.39 -7.69
C HIS B 117 26.12 6.85 -9.14
N LEU B 118 24.88 6.95 -9.65
CA LEU B 118 24.70 7.35 -11.03
C LEU B 118 23.98 8.69 -11.03
N PHE B 119 24.40 9.57 -11.92
CA PHE B 119 23.79 10.89 -11.99
C PHE B 119 23.19 11.03 -13.36
N PRO B 120 21.87 10.78 -13.48
CA PRO B 120 21.27 10.75 -14.83
C PRO B 120 21.12 12.16 -15.44
N PRO B 121 20.90 12.21 -16.75
CA PRO B 121 20.45 13.45 -17.39
C PRO B 121 19.01 13.82 -16.99
N ARG B 122 18.74 15.11 -17.12
CA ARG B 122 17.49 15.78 -16.69
C ARG B 122 16.22 14.89 -16.76
N GLN B 123 15.98 14.29 -17.90
CA GLN B 123 14.71 13.55 -18.11
C GLN B 123 14.35 12.48 -16.99
N LEU B 124 15.40 11.88 -16.40
CA LEU B 124 15.22 10.79 -15.48
C LEU B 124 15.11 11.32 -14.08
N ASN B 125 15.24 12.61 -13.90
CA ASN B 125 15.38 13.19 -12.57
C ASN B 125 14.08 13.83 -11.99
N ASP B 126 12.94 13.63 -12.65
CA ASP B 126 11.66 14.23 -12.16
C ASP B 126 11.42 13.92 -10.72
N VAL B 127 11.16 14.95 -9.94
CA VAL B 127 10.75 14.81 -8.58
C VAL B 127 9.28 15.22 -8.54
N LYS B 128 8.47 14.36 -7.94
CA LYS B 128 7.02 14.68 -7.90
C LYS B 128 6.80 15.64 -6.71
N THR B 129 6.17 16.78 -6.97
CA THR B 129 6.10 17.81 -5.95
C THR B 129 4.65 18.14 -5.67
N THR B 130 4.24 18.08 -4.41
CA THR B 130 2.87 18.41 -4.07
C THR B 130 2.96 19.61 -3.13
N VAL B 131 2.07 20.59 -3.35
CA VAL B 131 2.02 21.77 -2.46
C VAL B 131 0.66 21.95 -1.85
N VAL B 132 0.61 22.11 -0.54
CA VAL B 132 -0.62 22.42 0.11
C VAL B 132 -0.44 23.86 0.63
N TYR B 133 -1.25 24.83 0.16
CA TYR B 133 -0.99 26.23 0.55
C TYR B 133 -2.27 27.07 0.37
N PRO B 134 -2.78 27.76 1.39
CA PRO B 134 -2.38 27.62 2.80
C PRO B 134 -2.71 26.29 3.44
N ALA B 135 -1.82 25.79 4.31
CA ALA B 135 -2.01 24.53 4.96
C ALA B 135 -2.57 24.86 6.31
N THR B 136 -3.61 24.16 6.74
CA THR B 136 -4.24 24.36 8.03
C THR B 136 -3.53 23.53 9.07
N GLU B 137 -3.75 23.92 10.32
CA GLU B 137 -3.35 23.09 11.44
C GLU B 137 -3.70 21.61 11.26
N LYS B 138 -4.90 21.31 10.79
CA LYS B 138 -5.24 19.91 10.56
C LYS B 138 -4.35 19.23 9.51
N HIS B 139 -3.96 19.93 8.44
CA HIS B 139 -3.01 19.31 7.51
C HIS B 139 -1.74 18.99 8.21
N LEU B 140 -1.26 19.97 8.97
CA LEU B 140 0.00 19.81 9.64
C LEU B 140 -0.06 18.56 10.57
N GLN B 141 -1.18 18.35 11.25
CA GLN B 141 -1.35 17.21 12.16
C GLN B 141 -1.40 15.88 11.43
N LYS B 142 -2.14 15.85 10.33
CA LYS B 142 -2.31 14.68 9.49
C LYS B 142 -0.99 14.15 8.89
N TYR B 143 -0.06 15.02 8.56
CA TYR B 143 1.13 14.55 7.86
C TYR B 143 2.22 14.22 8.83
N LEU B 144 2.06 14.70 10.04
CA LEU B 144 3.13 14.59 11.01
C LEU B 144 3.42 13.12 11.38
N ARG B 145 4.71 12.79 11.51
CA ARG B 145 5.27 11.66 12.32
C ARG B 145 4.28 10.82 13.09
N GLN B 146 3.82 9.74 12.46
CA GLN B 146 2.84 8.81 13.01
C GLN B 146 3.34 8.00 14.24
N ASP B 147 2.65 8.17 15.36
CA ASP B 147 2.77 7.24 16.47
C ASP B 147 1.42 6.55 16.55
N LEU B 148 1.17 5.54 15.74
CA LEU B 148 -0.25 5.17 15.59
C LEU B 148 -0.71 4.08 16.57
N ARG B 149 -2.02 4.03 16.80
CA ARG B 149 -2.68 3.05 17.65
C ARG B 149 -3.94 2.58 16.97
N LEU B 150 -4.22 1.26 17.06
CA LEU B 150 -5.48 0.69 16.54
C LEU B 150 -6.67 0.95 17.47
N ILE B 151 -7.85 1.15 16.92
CA ILE B 151 -9.01 1.26 17.73
C ILE B 151 -10.06 0.47 17.00
N ARG B 152 -10.93 -0.19 17.74
CA ARG B 152 -12.04 -0.88 17.10
C ARG B 152 -13.29 -0.10 17.46
N GLU B 153 -13.91 0.49 16.47
CA GLU B 153 -15.05 1.36 16.62
C GLU B 153 -16.39 0.65 16.39
N THR B 154 -17.17 0.42 17.48
CA THR B 154 -18.46 -0.21 17.37
C THR B 154 -19.43 0.74 16.71
N GLY B 155 -20.55 0.24 16.23
CA GLY B 155 -21.52 1.15 15.65
C GLY B 155 -21.92 2.27 16.60
N ASP B 156 -21.96 1.95 17.89
CA ASP B 156 -22.44 2.89 18.92
C ASP B 156 -21.38 3.91 19.22
N ASP B 157 -20.13 3.44 19.25
CA ASP B 157 -19.02 4.38 19.34
C ASP B 157 -19.15 5.40 18.25
N TYR B 158 -19.46 4.94 17.04
CA TYR B 158 -19.50 5.86 15.91
C TYR B 158 -20.60 6.88 16.13
N ARG B 159 -21.84 6.40 16.27
CA ARG B 159 -23.02 7.24 16.54
C ARG B 159 -22.83 8.15 17.76
N ASN B 160 -22.21 7.67 18.83
CA ASN B 160 -22.16 8.45 20.09
C ASN B 160 -20.91 9.29 20.23
N ILE B 161 -19.83 8.87 19.58
CA ILE B 161 -18.52 9.53 19.84
C ILE B 161 -17.89 10.14 18.59
N THR B 162 -17.73 9.31 17.55
CA THR B 162 -16.97 9.72 16.38
C THR B 162 -17.79 10.70 15.58
N LEU B 163 -19.04 10.35 15.26
CA LEU B 163 -19.86 11.26 14.45
C LEU B 163 -19.96 12.67 15.05
N PRO B 164 -20.36 12.79 16.32
CA PRO B 164 -20.38 14.12 16.96
C PRO B 164 -19.07 14.89 16.86
N HIS B 165 -17.93 14.20 16.85
CA HIS B 165 -16.64 14.87 16.75
C HIS B 165 -16.06 14.86 15.33
N LEU B 166 -16.93 14.64 14.34
CA LEU B 166 -16.47 14.52 12.96
C LEU B 166 -15.66 15.72 12.44
N GLU B 167 -16.21 16.93 12.51
CA GLU B 167 -15.44 18.13 12.17
C GLU B 167 -13.92 18.07 12.46
N SER B 168 -13.50 17.68 13.67
CA SER B 168 -12.06 17.74 14.01
C SER B 168 -11.24 16.74 13.19
N GLN B 169 -11.90 15.67 12.73
CA GLN B 169 -11.26 14.65 11.89
C GLN B 169 -11.12 15.05 10.43
N SER B 170 -11.90 16.06 10.01
CA SER B 170 -12.19 16.25 8.58
C SER B 170 -11.52 17.46 7.92
N LEU B 171 -11.06 17.33 6.66
CA LEU B 171 -10.48 18.47 5.94
C LEU B 171 -11.54 19.03 4.99
N SER B 172 -11.44 20.31 4.60
CA SER B 172 -12.34 20.87 3.58
C SER B 172 -12.43 19.98 2.33
N ILE B 173 -13.64 19.85 1.80
CA ILE B 173 -13.84 19.10 0.58
C ILE B 173 -14.12 20.03 -0.57
N GLN B 174 -13.71 21.29 -0.42
CA GLN B 174 -13.89 22.25 -1.54
C GLN B 174 -13.31 21.71 -2.89
N TRP B 175 -12.16 21.03 -2.81
CA TRP B 175 -11.59 20.47 -3.99
C TRP B 175 -12.53 19.48 -4.67
N VAL B 176 -13.28 18.69 -3.88
CA VAL B 176 -14.23 17.73 -4.44
C VAL B 176 -15.36 18.49 -5.23
N TYR B 177 -15.90 19.51 -4.60
CA TYR B 177 -16.94 20.36 -5.21
C TYR B 177 -16.42 20.99 -6.49
N ASN B 178 -15.15 21.37 -6.51
CA ASN B 178 -14.62 21.98 -7.74
C ASN B 178 -14.59 21.02 -8.94
N ILE B 179 -14.27 19.76 -8.69
CA ILE B 179 -14.29 18.75 -9.73
C ILE B 179 -15.76 18.52 -10.16
N LEU B 180 -16.62 18.30 -9.20
CA LEU B 180 -18.03 17.98 -9.51
C LEU B 180 -18.70 19.16 -10.25
N ASP B 181 -18.39 20.40 -9.86
CA ASP B 181 -18.89 21.61 -10.53
C ASP B 181 -18.16 22.03 -11.82
N LYS B 182 -17.08 21.30 -12.21
CA LYS B 182 -16.30 21.62 -13.38
C LYS B 182 -15.49 22.93 -13.24
N LYS B 183 -15.15 23.32 -12.02
CA LYS B 183 -14.33 24.49 -11.78
C LYS B 183 -12.79 24.18 -11.61
N ALA B 184 -12.43 22.89 -11.46
CA ALA B 184 -10.99 22.50 -11.47
C ALA B 184 -10.94 21.11 -12.04
N GLU B 185 -9.82 20.78 -12.68
CA GLU B 185 -9.51 19.44 -13.20
C GLU B 185 -10.45 19.00 -14.29
N ALA B 186 -11.20 19.95 -14.87
CA ALA B 186 -12.23 19.48 -15.82
C ALA B 186 -11.61 18.74 -16.99
N ASP B 187 -10.42 19.20 -17.43
CA ASP B 187 -9.75 18.53 -18.51
C ASP B 187 -9.01 17.28 -18.13
N ARG B 188 -9.12 16.86 -16.86
CA ARG B 188 -8.48 15.59 -16.40
C ARG B 188 -9.45 14.45 -16.22
N ILE B 189 -10.73 14.75 -16.43
CA ILE B 189 -11.74 13.75 -16.14
C ILE B 189 -11.53 12.63 -17.11
N VAL B 190 -11.38 11.43 -16.59
CA VAL B 190 -11.29 10.25 -17.46
C VAL B 190 -12.69 9.69 -17.81
N PHE B 191 -13.62 9.79 -16.86
CA PHE B 191 -14.96 9.24 -17.09
C PHE B 191 -15.91 9.95 -16.17
N GLU B 192 -17.15 10.14 -16.64
CA GLU B 192 -18.12 10.74 -15.76
C GLU B 192 -19.49 10.08 -16.08
N ASN B 193 -20.16 9.60 -15.04
CA ASN B 193 -21.60 9.26 -15.11
C ASN B 193 -22.26 10.48 -14.49
N PRO B 194 -23.00 11.28 -15.27
CA PRO B 194 -23.53 12.54 -14.72
C PRO B 194 -24.78 12.36 -13.83
N ASP B 195 -25.22 11.16 -13.61
CA ASP B 195 -26.45 10.99 -12.76
C ASP B 195 -26.31 11.66 -11.37
N PRO B 196 -27.23 12.56 -10.96
CA PRO B 196 -27.05 13.24 -9.67
C PRO B 196 -27.18 12.33 -8.47
N SER B 197 -27.70 11.14 -8.64
CA SER B 197 -27.72 10.24 -7.50
C SER B 197 -26.77 9.01 -7.58
N ASP B 198 -26.65 8.41 -8.76
CA ASP B 198 -25.84 7.21 -8.92
C ASP B 198 -24.54 7.46 -9.71
N GLY B 199 -24.29 8.72 -10.00
CA GLY B 199 -23.20 9.11 -10.87
C GLY B 199 -21.92 9.50 -10.09
N PHE B 200 -20.88 9.74 -10.86
CA PHE B 200 -19.51 9.94 -10.23
C PHE B 200 -18.56 10.49 -11.26
N VAL B 201 -17.43 11.03 -10.80
CA VAL B 201 -16.42 11.52 -11.74
C VAL B 201 -15.14 10.75 -11.35
N LEU B 202 -14.43 10.26 -12.37
CA LEU B 202 -13.21 9.46 -12.24
C LEU B 202 -12.09 10.32 -12.79
N ILE B 203 -11.08 10.67 -11.95
CA ILE B 203 -9.99 11.52 -12.40
C ILE B 203 -8.64 10.89 -11.88
N PRO B 204 -7.54 11.21 -12.47
CA PRO B 204 -6.22 10.75 -11.88
C PRO B 204 -6.05 11.30 -10.47
N ASP B 205 -5.47 10.49 -9.61
CA ASP B 205 -5.38 10.92 -8.24
C ASP B 205 -4.26 11.98 -8.08
N LEU B 206 -4.40 12.87 -7.12
CA LEU B 206 -3.36 13.84 -6.74
C LEU B 206 -1.97 13.14 -6.60
N LYS B 207 -1.93 11.94 -6.01
CA LYS B 207 -0.58 11.32 -5.80
C LYS B 207 0.10 10.80 -7.01
N TRP B 208 -0.59 10.63 -8.15
CA TRP B 208 -0.01 10.03 -9.33
C TRP B 208 0.47 11.06 -10.35
N ASN B 209 1.70 10.97 -10.81
CA ASN B 209 2.18 11.99 -11.76
C ASN B 209 1.83 11.61 -13.19
N GLN B 210 1.13 10.48 -13.38
CA GLN B 210 0.59 10.11 -14.70
C GLN B 210 1.61 9.77 -15.73
N GLN B 211 2.86 9.49 -15.31
CA GLN B 211 3.89 9.37 -16.33
C GLN B 211 4.15 7.90 -16.67
N GLN B 212 3.57 6.97 -15.92
CA GLN B 212 3.74 5.52 -16.22
C GLN B 212 2.61 4.79 -15.58
N LEU B 213 2.35 3.56 -16.05
CA LEU B 213 1.16 2.82 -15.59
C LEU B 213 1.47 1.97 -14.38
N ASP B 214 2.77 1.91 -14.00
CA ASP B 214 3.14 1.03 -12.87
C ASP B 214 2.54 1.44 -11.55
N ASP B 215 2.24 2.73 -11.36
CA ASP B 215 1.67 3.19 -10.10
C ASP B 215 0.30 3.89 -10.46
N LEU B 216 -0.33 3.39 -11.53
CA LEU B 216 -1.62 3.95 -11.91
C LEU B 216 -2.46 4.10 -10.65
N TYR B 217 -3.11 5.27 -10.56
CA TYR B 217 -3.95 5.57 -9.38
C TYR B 217 -4.98 6.63 -9.77
N LEU B 218 -6.24 6.23 -9.74
CA LEU B 218 -7.34 7.20 -9.98
C LEU B 218 -8.26 7.25 -8.80
N ILE B 219 -9.01 8.33 -8.65
CA ILE B 219 -9.97 8.46 -7.60
C ILE B 219 -11.37 8.68 -8.27
N ALA B 220 -12.43 8.13 -7.69
CA ALA B 220 -13.80 8.33 -8.16
C ALA B 220 -14.54 9.04 -7.03
N ILE B 221 -15.19 10.17 -7.34
CA ILE B 221 -15.92 10.87 -6.28
C ILE B 221 -17.39 10.88 -6.77
N CYS B 222 -18.31 10.58 -5.86
CA CYS B 222 -19.73 10.43 -6.32
C CYS B 222 -20.36 11.82 -6.52
N HIS B 223 -21.30 11.97 -7.43
CA HIS B 223 -22.03 13.24 -7.58
C HIS B 223 -22.87 13.58 -6.36
N ARG B 224 -23.41 12.55 -5.73
CA ARG B 224 -24.36 12.78 -4.61
C ARG B 224 -23.64 13.29 -3.38
N ARG B 225 -24.18 14.35 -2.78
CA ARG B 225 -23.56 14.99 -1.62
C ARG B 225 -24.01 14.36 -0.32
N GLY B 226 -23.20 14.51 0.72
CA GLY B 226 -23.60 14.04 2.03
C GLY B 226 -23.35 12.58 2.36
N ILE B 227 -22.67 11.79 1.52
CA ILE B 227 -22.24 10.47 1.95
C ILE B 227 -20.84 10.62 2.51
N ARG B 228 -20.76 10.62 3.84
CA ARG B 228 -19.50 10.96 4.50
C ARG B 228 -18.41 9.94 4.37
N SER B 229 -18.78 8.66 4.47
CA SER B 229 -17.84 7.59 4.61
C SER B 229 -18.61 6.28 4.45
N LEU B 230 -17.87 5.19 4.54
CA LEU B 230 -18.42 3.85 4.66
C LEU B 230 -19.68 3.79 5.61
N ARG B 231 -19.61 4.50 6.74
CA ARG B 231 -20.70 4.45 7.74
C ARG B 231 -22.05 4.90 7.19
N ASP B 232 -22.08 5.74 6.13
CA ASP B 232 -23.37 6.24 5.61
C ASP B 232 -23.96 5.28 4.60
N LEU B 233 -23.24 4.21 4.27
CA LEU B 233 -23.67 3.40 3.14
C LEU B 233 -24.83 2.45 3.52
N THR B 234 -25.84 2.45 2.68
CA THR B 234 -27.04 1.58 2.78
C THR B 234 -27.35 1.01 1.39
N PRO B 235 -28.25 0.02 1.30
CA PRO B 235 -28.65 -0.53 0.02
C PRO B 235 -29.13 0.52 -0.94
N GLU B 236 -29.56 1.70 -0.48
CA GLU B 236 -29.98 2.71 -1.42
C GLU B 236 -28.74 3.13 -2.29
N HIS B 237 -27.53 2.94 -1.75
CA HIS B 237 -26.30 3.34 -2.51
C HIS B 237 -25.80 2.26 -3.46
N LEU B 238 -26.44 1.08 -3.44
CA LEU B 238 -25.98 -0.02 -4.25
C LEU B 238 -25.82 0.34 -5.73
N PRO B 239 -26.79 0.98 -6.38
CA PRO B 239 -26.60 1.36 -7.79
C PRO B 239 -25.39 2.32 -8.01
N LEU B 240 -25.20 3.26 -7.10
CA LEU B 240 -24.05 4.13 -7.16
C LEU B 240 -22.73 3.32 -7.08
N LEU B 241 -22.59 2.47 -6.04
CA LEU B 241 -21.39 1.68 -5.80
C LEU B 241 -21.05 0.77 -6.97
N ARG B 242 -22.09 0.16 -7.52
CA ARG B 242 -21.90 -0.70 -8.66
C ARG B 242 -21.45 0.09 -9.85
N ASN B 243 -21.97 1.28 -10.04
CA ASN B 243 -21.60 2.02 -11.23
C ASN B 243 -20.07 2.43 -11.03
N ILE B 244 -19.75 2.89 -9.85
CA ILE B 244 -18.32 3.21 -9.58
C ILE B 244 -17.43 2.02 -9.97
N LEU B 245 -17.70 0.85 -9.39
CA LEU B 245 -16.86 -0.31 -9.58
C LEU B 245 -16.83 -0.72 -11.06
N HIS B 246 -18.01 -0.86 -11.67
CA HIS B 246 -18.01 -1.41 -12.99
C HIS B 246 -17.76 -0.40 -14.09
N GLN B 247 -18.32 0.79 -14.02
CA GLN B 247 -18.01 1.75 -15.03
C GLN B 247 -16.57 2.33 -14.80
N GLY B 248 -16.14 2.44 -13.55
CA GLY B 248 -14.72 2.86 -13.30
C GLY B 248 -13.72 1.89 -13.96
N GLN B 249 -13.88 0.60 -13.74
CA GLN B 249 -13.02 -0.41 -14.33
C GLN B 249 -13.08 -0.37 -15.85
N GLU B 250 -14.29 -0.24 -16.39
CA GLU B 250 -14.42 -0.25 -17.81
C GLU B 250 -13.76 0.98 -18.42
N ALA B 251 -13.85 2.13 -17.74
CA ALA B 251 -13.23 3.34 -18.26
C ALA B 251 -11.71 3.21 -18.21
N ILE B 252 -11.20 2.56 -17.18
CA ILE B 252 -9.74 2.37 -17.07
C ILE B 252 -9.27 1.40 -18.14
N LEU B 253 -10.06 0.36 -18.38
CA LEU B 253 -9.71 -0.55 -19.47
C LEU B 253 -9.62 0.20 -20.80
N GLN B 254 -10.60 1.08 -21.11
CA GLN B 254 -10.59 1.77 -22.39
C GLN B 254 -9.51 2.81 -22.51
N ARG B 255 -9.24 3.52 -21.41
CA ARG B 255 -8.29 4.62 -21.51
C ARG B 255 -6.84 4.06 -21.43
N TYR B 256 -6.61 3.08 -20.56
CA TYR B 256 -5.22 2.65 -20.23
C TYR B 256 -4.94 1.25 -20.62
N ARG B 257 -5.95 0.52 -21.12
CA ARG B 257 -5.78 -0.89 -21.55
C ARG B 257 -5.52 -1.78 -20.38
N MET B 258 -5.84 -1.31 -19.17
CA MET B 258 -5.58 -2.08 -18.00
C MET B 258 -6.85 -2.81 -17.56
N LYS B 259 -6.78 -4.14 -17.49
CA LYS B 259 -7.91 -5.01 -17.12
C LYS B 259 -8.24 -4.93 -15.66
N GLY B 260 -9.47 -5.33 -15.32
CA GLY B 260 -9.95 -5.23 -13.94
C GLY B 260 -9.17 -6.12 -12.98
N ASP B 261 -8.71 -7.28 -13.46
CA ASP B 261 -7.94 -8.10 -12.56
C ASP B 261 -6.49 -7.55 -12.37
N HIS B 262 -6.19 -6.40 -12.94
CA HIS B 262 -4.91 -5.73 -12.62
C HIS B 262 -5.16 -4.58 -11.60
N LEU B 263 -6.36 -4.45 -11.03
CA LEU B 263 -6.69 -3.26 -10.22
C LEU B 263 -7.09 -3.67 -8.78
N ARG B 264 -6.79 -2.83 -7.83
CA ARG B 264 -7.12 -3.03 -6.46
C ARG B 264 -7.97 -1.77 -6.16
N VAL B 265 -9.27 -1.97 -5.97
CA VAL B 265 -10.25 -0.87 -5.87
C VAL B 265 -10.90 -0.87 -4.46
N TYR B 266 -10.78 0.24 -3.73
CA TYR B 266 -11.08 0.25 -2.28
C TYR B 266 -11.44 1.62 -1.80
N LEU B 267 -12.00 1.70 -0.58
CA LEU B 267 -12.16 2.97 0.09
C LEU B 267 -11.39 2.94 1.41
N HIS B 268 -11.17 4.12 2.00
CA HIS B 268 -10.54 4.22 3.28
C HIS B 268 -11.58 4.47 4.38
N TYR B 269 -11.31 3.86 5.53
CA TYR B 269 -11.98 4.19 6.77
C TYR B 269 -10.85 4.18 7.84
N LEU B 270 -10.57 5.30 8.49
CA LEU B 270 -11.21 6.62 8.18
C LEU B 270 -10.69 7.25 6.91
N PRO B 271 -11.54 7.96 6.15
CA PRO B 271 -11.02 8.76 5.00
C PRO B 271 -10.43 10.10 5.54
N SER B 272 -9.67 10.91 4.80
CA SER B 272 -9.38 12.27 5.29
C SER B 272 -10.48 13.23 4.83
N TYR B 273 -11.07 12.96 3.68
CA TYR B 273 -12.10 13.86 3.12
C TYR B 273 -13.43 13.10 3.20
N TYR B 274 -14.38 13.66 3.93
CA TYR B 274 -15.64 12.99 4.22
C TYR B 274 -16.62 13.31 3.11
N HIS B 275 -16.24 12.93 1.88
CA HIS B 275 -17.20 12.77 0.80
C HIS B 275 -16.73 11.47 0.11
N LEU B 276 -17.63 10.49 0.05
CA LEU B 276 -17.26 9.16 -0.44
C LEU B 276 -16.30 9.21 -1.64
N ASN B 277 -15.15 8.55 -1.49
CA ASN B 277 -14.19 8.54 -2.61
C ASN B 277 -13.57 7.13 -2.70
N VAL B 278 -13.44 6.63 -3.92
CA VAL B 278 -13.03 5.27 -4.20
C VAL B 278 -11.70 5.33 -4.96
N HIS B 279 -10.75 4.57 -4.46
CA HIS B 279 -9.37 4.55 -5.04
C HIS B 279 -9.24 3.36 -5.98
N PHE B 280 -8.74 3.61 -7.20
CA PHE B 280 -8.48 2.57 -8.16
C PHE B 280 -6.97 2.54 -8.36
N THR B 281 -6.32 1.46 -7.95
CA THR B 281 -4.88 1.40 -7.99
C THR B 281 -4.44 0.22 -8.74
N ALA B 282 -3.31 0.37 -9.40
CA ALA B 282 -2.64 -0.81 -9.96
C ALA B 282 -2.30 -1.87 -8.92
N LEU B 283 -2.70 -3.12 -9.21
CA LEU B 283 -2.48 -4.18 -8.24
C LEU B 283 -0.96 -4.39 -8.01
N GLY B 284 -0.17 -4.18 -9.05
CA GLY B 284 1.29 -4.38 -8.90
C GLY B 284 2.00 -3.25 -8.16
N PHE B 285 1.26 -2.22 -7.80
CA PHE B 285 1.81 -1.10 -7.06
C PHE B 285 1.44 -1.31 -5.61
N GLU B 286 2.43 -1.39 -4.71
CA GLU B 286 2.05 -1.44 -3.32
C GLU B 286 1.57 -0.07 -2.80
N ALA B 287 0.33 0.31 -3.12
CA ALA B 287 -0.06 1.68 -2.80
C ALA B 287 0.01 2.00 -1.32
N PRO B 288 0.48 3.20 -1.03
CA PRO B 288 0.46 3.66 0.34
C PRO B 288 -1.01 3.79 0.79
N GLY B 289 -1.34 3.39 2.02
CA GLY B 289 -2.74 3.43 2.46
C GLY B 289 -3.58 2.25 1.95
N SER B 290 -2.97 1.20 1.45
CA SER B 290 -3.76 0.03 0.98
C SER B 290 -3.79 -1.13 1.99
N GLY B 291 -3.32 -0.87 3.19
CA GLY B 291 -3.26 -1.86 4.29
C GLY B 291 -4.65 -2.27 4.80
N VAL B 292 -4.75 -3.51 5.27
CA VAL B 292 -5.98 -4.03 5.88
C VAL B 292 -6.54 -3.15 7.00
N GLU B 293 -5.68 -2.42 7.72
CA GLU B 293 -6.19 -1.51 8.78
C GLU B 293 -6.84 -0.20 8.34
N ARG B 294 -6.94 0.04 7.02
CA ARG B 294 -7.64 1.22 6.51
C ARG B 294 -8.46 0.99 5.23
N ALA B 295 -7.98 0.11 4.34
CA ALA B 295 -8.61 -0.06 3.02
C ALA B 295 -9.68 -1.19 3.05
N HIS B 296 -10.76 -1.00 2.31
CA HIS B 296 -11.92 -1.89 2.27
C HIS B 296 -12.27 -2.04 0.77
N LEU B 297 -12.18 -3.25 0.22
CA LEU B 297 -12.45 -3.46 -1.20
C LEU B 297 -13.85 -3.13 -1.55
N LEU B 298 -14.03 -2.37 -2.61
CA LEU B 298 -15.38 -2.01 -3.00
C LEU B 298 -16.28 -3.20 -3.35
N ALA B 299 -15.76 -4.17 -4.12
CA ALA B 299 -16.51 -5.37 -4.44
C ALA B 299 -17.05 -5.99 -3.15
N GLU B 300 -16.26 -6.00 -2.10
CA GLU B 300 -16.75 -6.55 -0.83
C GLU B 300 -17.76 -5.70 -0.05
N VAL B 301 -17.53 -4.39 -0.02
CA VAL B 301 -18.51 -3.47 0.54
C VAL B 301 -19.88 -3.74 -0.15
N ILE B 302 -19.90 -3.90 -1.49
CA ILE B 302 -21.16 -4.11 -2.22
C ILE B 302 -21.83 -5.41 -1.78
N GLU B 303 -21.05 -6.47 -1.66
CA GLU B 303 -21.57 -7.79 -1.29
C GLU B 303 -22.01 -7.79 0.17
N ASN B 304 -21.33 -7.05 1.04
CA ASN B 304 -21.78 -6.89 2.41
C ASN B 304 -23.14 -6.21 2.47
N LEU B 305 -23.30 -5.12 1.72
CA LEU B 305 -24.58 -4.49 1.65
C LEU B 305 -25.69 -5.42 1.13
N GLU B 306 -25.37 -6.24 0.13
CA GLU B 306 -26.34 -7.18 -0.40
C GLU B 306 -26.70 -8.32 0.57
N CYS B 307 -25.73 -8.76 1.38
CA CYS B 307 -26.00 -9.77 2.40
C CYS B 307 -26.61 -9.23 3.68
N ASP B 308 -26.42 -7.94 3.96
CA ASP B 308 -26.59 -7.42 5.31
C ASP B 308 -26.86 -5.91 5.26
N PRO B 309 -28.08 -5.50 4.94
CA PRO B 309 -28.40 -4.08 4.75
C PRO B 309 -27.75 -3.04 5.70
N ARG B 310 -27.74 -3.31 7.00
CA ARG B 310 -27.27 -2.34 7.94
C ARG B 310 -25.87 -2.66 8.45
N HIS B 311 -25.17 -3.51 7.67
CA HIS B 311 -23.78 -3.88 7.98
C HIS B 311 -22.94 -2.68 8.45
N TYR B 312 -22.97 -1.57 7.70
CA TYR B 312 -22.04 -0.47 8.02
C TYR B 312 -22.51 0.46 9.15
N GLN B 313 -23.75 0.36 9.57
CA GLN B 313 -24.19 1.06 10.78
C GLN B 313 -24.07 0.17 12.04
N GLN B 314 -24.07 -1.16 11.88
CA GLN B 314 -24.07 -2.06 13.06
C GLN B 314 -22.71 -2.65 13.44
N ARG B 315 -21.88 -2.95 12.46
CA ARG B 315 -20.62 -3.61 12.73
C ARG B 315 -19.49 -2.74 13.20
N THR B 316 -18.49 -3.39 13.74
CA THR B 316 -17.33 -2.75 14.29
C THR B 316 -16.24 -2.62 13.20
N LEU B 317 -15.71 -1.41 13.03
CA LEU B 317 -14.67 -1.13 12.02
C LEU B 317 -13.39 -0.80 12.74
N THR B 318 -12.28 -1.30 12.22
CA THR B 318 -10.99 -1.12 12.86
C THR B 318 -10.12 -0.15 12.06
N PHE B 319 -9.51 0.83 12.74
CA PHE B 319 -8.59 1.73 12.09
C PHE B 319 -7.57 2.29 13.03
N ALA B 320 -6.61 3.05 12.49
CA ALA B 320 -5.50 3.57 13.27
C ALA B 320 -5.65 5.09 13.46
N LEU B 321 -5.31 5.58 14.65
CA LEU B 321 -5.33 7.03 14.96
C LEU B 321 -4.00 7.36 15.57
N ARG B 322 -3.53 8.59 15.41
CA ARG B 322 -2.29 9.00 16.09
C ARG B 322 -2.44 8.97 17.63
N ALA B 323 -1.35 8.66 18.33
CA ALA B 323 -1.44 8.43 19.77
C ALA B 323 -2.06 9.60 20.55
N ASP B 324 -1.77 10.83 20.14
CA ASP B 324 -2.31 11.99 20.89
C ASP B 324 -3.67 12.53 20.38
N ASP B 325 -4.17 11.97 19.29
CA ASP B 325 -5.51 12.28 18.78
C ASP B 325 -6.62 12.19 19.87
N PRO B 326 -7.22 13.33 20.20
CA PRO B 326 -8.31 13.36 21.19
C PRO B 326 -9.48 12.40 20.89
N LEU B 327 -9.72 12.12 19.61
CA LEU B 327 -10.75 11.12 19.28
C LEU B 327 -10.39 9.72 19.85
N LEU B 328 -9.13 9.33 19.70
CA LEU B 328 -8.63 8.09 20.29
C LEU B 328 -8.95 8.03 21.81
N LYS B 329 -8.52 9.07 22.53
CA LYS B 329 -8.77 9.20 23.97
C LYS B 329 -10.26 9.01 24.23
N LEU B 330 -11.09 9.73 23.49
CA LEU B 330 -12.54 9.59 23.64
C LEU B 330 -12.99 8.18 23.39
N LEU B 331 -12.42 7.52 22.38
CA LEU B 331 -12.96 6.20 22.04
C LEU B 331 -12.50 5.20 23.11
N GLN B 332 -11.25 5.30 23.50
CA GLN B 332 -10.72 4.46 24.59
C GLN B 332 -11.55 4.62 25.88
N GLU B 333 -11.87 5.86 26.23
CA GLU B 333 -12.66 6.11 27.43
C GLU B 333 -14.03 5.47 27.41
N ALA B 334 -14.73 5.52 26.28
CA ALA B 334 -16.05 4.89 26.21
C ALA B 334 -15.94 3.37 26.09
N GLN B 335 -14.72 2.84 26.05
CA GLN B 335 -14.55 1.40 25.88
C GLN B 335 -14.31 0.66 27.22
N GLN B 336 -14.41 1.43 28.30
CA GLN B 336 -14.63 0.90 29.68
C GLN B 336 -15.76 1.69 30.41
N SER B 337 -15.73 3.01 30.26
CA SER B 337 -16.52 3.96 31.06
C SER B 337 -17.95 4.24 30.53
#